data_9RGI
#
_entry.id   9RGI
#
_cell.length_a   183.280
_cell.length_b   183.280
_cell.length_c   183.280
_cell.angle_alpha   90.000
_cell.angle_beta   90.000
_cell.angle_gamma   90.000
#
_symmetry.space_group_name_H-M   'F 4 3 2'
#
loop_
_entity.id
_entity.type
_entity.pdbx_description
1 polymer 'Ferritin heavy chain'
2 non-polymer 'CHLORIDE ION'
3 non-polymer 'MAGNESIUM ION'
4 non-polymer 'Polyoxidovanadate complex'
5 water water
#
_entity_poly.entity_id   1
_entity_poly.type   'polypeptide(L)'
_entity_poly.pdbx_seq_one_letter_code
;TTASTSQVRQNYHQDSEAAINRQINLELYASYVYLSMSYYFDRDDVALKNFAKYFLHQSHEEREHAEKLMKLQNQRGGRI
FLQDIKKPDCDDWESGLNAMECALHLEKNVNQSLLELHKLATDKNDPHLCDFIETHYLNEQVKAIKELGDHVTNLRKMGA
PESGLAEYLFDKHTLGDSDNES
;
_entity_poly.pdbx_strand_id   AAA
#
loop_
_chem_comp.id
_chem_comp.type
_chem_comp.name
_chem_comp.formula
A1JGJ non-polymer 'Polyoxidovanadate complex' 'O36 V15'
CL non-polymer 'CHLORIDE ION' 'Cl -1'
MG non-polymer 'MAGNESIUM ION' 'Mg 2'
#
# COMPACT_ATOMS: atom_id res chain seq x y z
N ALA A 3 -9.06 -28.50 -13.90
CA ALA A 3 -7.60 -28.72 -14.11
C ALA A 3 -7.16 -28.12 -15.45
N SER A 4 -7.82 -28.57 -16.54
CA SER A 4 -7.56 -28.12 -17.94
C SER A 4 -7.71 -26.60 -18.03
N THR A 5 -7.37 -26.02 -19.19
CA THR A 5 -7.11 -24.56 -19.28
C THR A 5 -8.45 -23.81 -19.22
N SER A 6 -8.43 -22.61 -18.63
CA SER A 6 -9.53 -21.63 -18.71
C SER A 6 -9.78 -21.33 -20.19
N GLN A 7 -11.05 -21.23 -20.64
CA GLN A 7 -11.42 -20.85 -22.02
C GLN A 7 -10.96 -19.43 -22.37
N VAL A 8 -10.65 -18.60 -21.39
CA VAL A 8 -10.31 -17.17 -21.64
C VAL A 8 -8.79 -17.01 -21.66
N ARG A 9 -8.05 -17.97 -21.14
CA ARG A 9 -6.61 -17.74 -20.90
C ARG A 9 -5.86 -17.59 -22.21
N GLN A 10 -5.07 -16.55 -22.32
CA GLN A 10 -4.25 -16.32 -23.55
C GLN A 10 -3.05 -15.46 -23.19
N ASN A 11 -1.81 -15.94 -23.47
CA ASN A 11 -0.57 -15.18 -23.21
C ASN A 11 -0.39 -14.82 -21.72
N TYR A 12 -0.88 -15.65 -20.80
CA TYR A 12 -0.82 -15.41 -19.35
C TYR A 12 0.00 -16.54 -18.71
N HIS A 13 1.26 -16.21 -18.44
CA HIS A 13 2.26 -17.22 -17.95
C HIS A 13 1.91 -17.69 -16.52
N GLN A 14 2.17 -18.96 -16.21
CA GLN A 14 1.93 -19.51 -14.85
C GLN A 14 2.69 -18.67 -13.85
N ASP A 15 3.87 -18.18 -14.22
CA ASP A 15 4.69 -17.43 -13.25
C ASP A 15 4.01 -16.07 -12.96
N SER A 16 3.39 -15.45 -13.97
CA SER A 16 2.64 -14.17 -13.81
C SER A 16 1.46 -14.40 -12.87
N GLU A 17 0.70 -15.45 -13.12
CA GLU A 17 -0.43 -15.90 -12.30
C GLU A 17 0.01 -15.99 -10.84
N ALA A 18 1.11 -16.67 -10.54
CA ALA A 18 1.59 -16.83 -9.15
C ALA A 18 2.02 -15.47 -8.58
N ALA A 19 2.69 -14.63 -9.36
CA ALA A 19 3.20 -13.29 -8.93
C ALA A 19 2.00 -12.40 -8.57
N ILE A 20 0.91 -12.49 -9.34
CA ILE A 20 -0.32 -11.72 -9.05
C ILE A 20 -0.91 -12.19 -7.73
N ASN A 21 -0.95 -13.48 -7.43
CA ASN A 21 -1.45 -13.98 -6.12
C ASN A 21 -0.56 -13.43 -4.99
N ARG A 22 0.76 -13.42 -5.13
CA ARG A 22 1.63 -12.84 -4.09
C ARG A 22 1.33 -11.33 -3.92
N GLN A 23 1.08 -10.63 -5.02
CA GLN A 23 0.80 -9.16 -4.92
C GLN A 23 -0.55 -8.94 -4.19
N ILE A 24 -1.54 -9.80 -4.43
CA ILE A 24 -2.83 -9.73 -3.70
C ILE A 24 -2.57 -9.79 -2.20
N ASN A 25 -1.78 -10.77 -1.74
CA ASN A 25 -1.46 -10.89 -0.31
C ASN A 25 -0.80 -9.61 0.17
N LEU A 26 0.16 -9.08 -0.56
CA LEU A 26 0.89 -7.86 -0.13
C LEU A 26 -0.07 -6.67 0.02
N GLU A 27 -1.03 -6.53 -0.87
CA GLU A 27 -2.01 -5.40 -0.82
C GLU A 27 -2.89 -5.58 0.43
N LEU A 28 -3.33 -6.80 0.73
CA LEU A 28 -4.16 -7.06 1.94
C LEU A 28 -3.30 -6.78 3.18
N TYR A 29 -2.03 -7.17 3.16
CA TYR A 29 -1.12 -6.86 4.28
C TYR A 29 -1.00 -5.34 4.45
N ALA A 30 -0.80 -4.58 3.38
CA ALA A 30 -0.74 -3.12 3.48
C ALA A 30 -2.04 -2.56 4.05
N SER A 31 -3.20 -3.10 3.68
CA SER A 31 -4.50 -2.64 4.23
C SER A 31 -4.51 -2.84 5.75
N TYR A 32 -3.98 -3.99 6.21
CA TYR A 32 -3.94 -4.36 7.65
C TYR A 32 -3.00 -3.44 8.43
N VAL A 33 -1.82 -3.10 7.87
CA VAL A 33 -0.83 -2.19 8.49
C VAL A 33 -1.52 -0.84 8.70
N TYR A 34 -2.20 -0.35 7.70
CA TYR A 34 -2.81 1.01 7.84
C TYR A 34 -3.99 0.96 8.80
N LEU A 35 -4.75 -0.14 8.84
CA LEU A 35 -5.85 -0.31 9.83
C LEU A 35 -5.30 -0.18 11.26
N SER A 36 -4.24 -0.94 11.56
CA SER A 36 -3.58 -0.92 12.89
C SER A 36 -3.10 0.50 13.20
N MET A 37 -2.37 1.10 12.26
CA MET A 37 -1.90 2.50 12.46
C MET A 37 -3.07 3.43 12.77
N SER A 38 -4.18 3.33 12.02
CA SER A 38 -5.35 4.20 12.22
C SER A 38 -5.77 4.20 13.70
N TYR A 39 -6.06 3.02 14.25
CA TYR A 39 -6.67 2.89 15.60
C TYR A 39 -5.65 3.23 16.68
N TYR A 40 -4.35 3.17 16.40
CA TYR A 40 -3.35 3.68 17.35
C TYR A 40 -3.67 5.15 17.64
N PHE A 41 -3.97 5.93 16.60
CA PHE A 41 -4.17 7.39 16.78
C PHE A 41 -5.54 7.68 17.40
N ASP A 42 -6.41 6.70 17.48
CA ASP A 42 -7.73 6.77 18.14
C ASP A 42 -7.60 6.48 19.63
N ARG A 43 -6.43 6.04 20.11
CA ARG A 43 -6.29 5.71 21.54
C ARG A 43 -6.44 6.99 22.35
N ASP A 44 -6.98 6.89 23.56
CA ASP A 44 -7.18 8.08 24.43
C ASP A 44 -5.84 8.74 24.83
N ASP A 45 -4.72 8.01 24.79
CA ASP A 45 -3.39 8.56 25.14
C ASP A 45 -2.60 8.95 23.90
N VAL A 46 -3.23 9.04 22.73
CA VAL A 46 -2.56 9.50 21.47
C VAL A 46 -3.43 10.61 20.91
N ALA A 47 -4.68 10.30 20.59
CA ALA A 47 -5.80 11.26 20.41
C ALA A 47 -5.49 12.25 19.29
N LEU A 48 -5.04 11.73 18.15
CA LEU A 48 -4.91 12.58 16.92
C LEU A 48 -5.89 12.09 15.85
N LYS A 49 -7.10 12.64 15.84
CA LYS A 49 -8.21 12.10 15.02
C LYS A 49 -7.95 12.18 13.52
N ASN A 50 -7.17 13.16 13.01
CA ASN A 50 -6.95 13.29 11.55
C ASN A 50 -5.87 12.32 11.08
N PHE A 51 -4.89 12.02 11.93
CA PHE A 51 -3.99 10.86 11.68
C PHE A 51 -4.84 9.60 11.57
N ALA A 52 -5.75 9.38 12.50
CA ALA A 52 -6.57 8.17 12.48
C ALA A 52 -7.37 8.11 11.17
N LYS A 53 -8.05 9.20 10.76
N LYS A 53 -8.04 9.21 10.80
CA LYS A 53 -8.87 9.19 9.52
CA LYS A 53 -8.84 9.33 9.55
C LYS A 53 -7.94 8.99 8.31
C LYS A 53 -7.94 9.02 8.33
N TYR A 54 -6.79 9.65 8.28
CA TYR A 54 -5.87 9.58 7.12
C TYR A 54 -5.48 8.09 6.88
N PHE A 55 -5.03 7.43 7.94
CA PHE A 55 -4.60 6.01 7.79
C PHE A 55 -5.78 5.08 7.51
N LEU A 56 -6.98 5.33 8.04
CA LEU A 56 -8.14 4.47 7.71
C LEU A 56 -8.43 4.59 6.22
N HIS A 57 -8.41 5.82 5.68
CA HIS A 57 -8.65 6.00 4.24
C HIS A 57 -7.61 5.19 3.45
N GLN A 58 -6.35 5.26 3.83
CA GLN A 58 -5.25 4.53 3.17
C GLN A 58 -5.52 3.03 3.27
N SER A 59 -6.02 2.55 4.41
CA SER A 59 -6.36 1.13 4.59
C SER A 59 -7.43 0.69 3.55
N HIS A 60 -8.49 1.49 3.42
N HIS A 60 -8.52 1.46 3.42
CA HIS A 60 -9.62 1.22 2.51
CA HIS A 60 -9.62 1.14 2.46
C HIS A 60 -9.09 1.22 1.05
C HIS A 60 -9.04 1.16 1.03
N GLU A 61 -8.16 2.11 0.73
CA GLU A 61 -7.56 2.20 -0.65
C GLU A 61 -6.79 0.90 -0.97
N GLU A 62 -6.02 0.36 -0.01
CA GLU A 62 -5.25 -0.90 -0.22
C GLU A 62 -6.21 -2.07 -0.44
N ARG A 63 -7.36 -2.17 0.28
CA ARG A 63 -8.34 -3.25 0.04
C ARG A 63 -8.85 -3.11 -1.40
N GLU A 64 -9.10 -1.88 -1.89
CA GLU A 64 -9.51 -1.69 -3.31
C GLU A 64 -8.40 -2.18 -4.26
N HIS A 65 -7.14 -1.90 -3.93
N HIS A 65 -7.14 -1.89 -3.93
CA HIS A 65 -5.99 -2.35 -4.78
CA HIS A 65 -5.98 -2.34 -4.73
C HIS A 65 -5.98 -3.89 -4.84
C HIS A 65 -5.97 -3.88 -4.83
N ALA A 66 -6.25 -4.56 -3.72
CA ALA A 66 -6.30 -6.04 -3.68
C ALA A 66 -7.45 -6.54 -4.56
N GLU A 67 -8.64 -5.97 -4.40
CA GLU A 67 -9.83 -6.39 -5.18
C GLU A 67 -9.59 -6.29 -6.69
N LYS A 68 -8.92 -5.21 -7.14
CA LYS A 68 -8.65 -4.96 -8.58
C LYS A 68 -7.71 -6.06 -9.11
N LEU A 69 -6.78 -6.52 -8.27
CA LEU A 69 -5.88 -7.65 -8.70
C LEU A 69 -6.62 -8.98 -8.71
N MET A 70 -7.55 -9.19 -7.81
CA MET A 70 -8.39 -10.40 -7.86
C MET A 70 -9.30 -10.39 -9.10
N LYS A 71 -9.83 -9.23 -9.48
CA LYS A 71 -10.56 -9.09 -10.77
C LYS A 71 -9.65 -9.44 -11.95
N LEU A 72 -8.43 -8.91 -11.97
CA LEU A 72 -7.45 -9.10 -13.09
C LEU A 72 -7.18 -10.61 -13.21
N GLN A 73 -6.91 -11.25 -12.08
CA GLN A 73 -6.62 -12.72 -12.08
C GLN A 73 -7.73 -13.47 -12.82
N ASN A 74 -8.99 -13.27 -12.43
CA ASN A 74 -10.15 -13.84 -13.15
C ASN A 74 -10.25 -13.37 -14.61
N GLN A 75 -10.03 -12.08 -14.89
CA GLN A 75 -10.18 -11.58 -16.29
C GLN A 75 -9.21 -12.36 -17.21
N ARG A 76 -8.03 -12.68 -16.70
CA ARG A 76 -6.98 -13.37 -17.50
C ARG A 76 -7.09 -14.89 -17.43
N GLY A 77 -7.98 -15.43 -16.62
CA GLY A 77 -8.20 -16.88 -16.53
C GLY A 77 -7.25 -17.59 -15.59
N GLY A 78 -6.59 -16.84 -14.73
CA GLY A 78 -5.80 -17.37 -13.61
C GLY A 78 -6.71 -17.74 -12.47
N ARG A 79 -6.17 -18.41 -11.46
CA ARG A 79 -6.98 -18.85 -10.32
C ARG A 79 -6.42 -18.21 -9.07
N ILE A 80 -7.30 -17.51 -8.33
CA ILE A 80 -6.87 -16.84 -7.09
C ILE A 80 -6.44 -17.87 -6.04
N PHE A 81 -5.33 -17.61 -5.38
CA PHE A 81 -4.82 -18.48 -4.28
C PHE A 81 -4.48 -17.51 -3.16
N LEU A 82 -5.19 -17.65 -2.05
CA LEU A 82 -5.09 -16.74 -0.90
C LEU A 82 -4.20 -17.37 0.17
N GLN A 83 -3.51 -16.52 0.89
CA GLN A 83 -2.67 -16.94 2.04
C GLN A 83 -3.09 -16.14 3.25
N ASP A 84 -2.66 -16.55 4.43
CA ASP A 84 -2.91 -15.75 5.66
C ASP A 84 -2.44 -14.28 5.43
N ILE A 85 -3.15 -13.35 6.03
CA ILE A 85 -2.72 -11.93 6.07
C ILE A 85 -1.96 -11.75 7.37
N LYS A 86 -0.66 -11.55 7.27
CA LYS A 86 0.20 -11.44 8.47
C LYS A 86 -0.16 -10.19 9.29
N LYS A 87 -0.10 -10.26 10.62
CA LYS A 87 -0.28 -9.04 11.43
C LYS A 87 0.83 -8.06 11.10
N PRO A 88 0.56 -6.75 11.32
CA PRO A 88 1.58 -5.75 11.02
C PRO A 88 2.89 -5.94 11.81
N ASP A 89 3.98 -5.75 11.09
CA ASP A 89 5.38 -5.89 11.59
C ASP A 89 5.82 -4.56 12.20
N CYS A 90 6.13 -3.56 11.36
CA CYS A 90 6.64 -2.19 11.71
C CYS A 90 7.18 -2.03 13.16
N ASP A 91 6.33 -2.10 14.19
CA ASP A 91 6.67 -2.02 15.65
C ASP A 91 5.53 -1.34 16.42
N ASP A 92 5.71 -0.96 17.71
CA ASP A 92 4.74 -0.04 18.38
C ASP A 92 4.92 1.33 17.76
N TRP A 93 3.79 1.98 17.52
CA TRP A 93 3.71 3.07 16.54
C TRP A 93 4.42 4.33 17.04
N GLU A 94 4.41 4.57 18.38
CA GLU A 94 5.21 5.59 19.13
C GLU A 94 4.77 7.03 18.89
N SER A 95 4.60 7.45 17.63
CA SER A 95 4.38 8.89 17.31
C SER A 95 3.77 9.02 15.91
N GLY A 96 3.22 10.20 15.60
CA GLY A 96 2.78 10.48 14.21
C GLY A 96 3.94 10.35 13.22
N LEU A 97 5.09 10.88 13.58
CA LEU A 97 6.27 10.80 12.69
C LEU A 97 6.66 9.33 12.45
N ASN A 98 6.74 8.53 13.49
CA ASN A 98 7.19 7.12 13.34
C ASN A 98 6.19 6.37 12.50
N ALA A 99 4.89 6.60 12.67
CA ALA A 99 3.90 5.91 11.83
C ALA A 99 4.14 6.34 10.37
N MET A 100 4.30 7.63 10.11
CA MET A 100 4.50 8.13 8.70
C MET A 100 5.74 7.48 8.09
N GLU A 101 6.80 7.34 8.89
CA GLU A 101 8.03 6.68 8.41
C GLU A 101 7.78 5.19 8.13
N CYS A 102 7.01 4.48 8.95
CA CYS A 102 6.65 3.07 8.67
C CYS A 102 5.83 3.01 7.38
N ALA A 103 4.92 3.97 7.17
CA ALA A 103 4.08 3.96 5.94
C ALA A 103 4.97 4.19 4.71
N LEU A 104 5.95 5.08 4.79
CA LEU A 104 6.88 5.37 3.67
C LEU A 104 7.64 4.09 3.30
N HIS A 105 8.17 3.39 4.28
CA HIS A 105 8.90 2.11 4.05
C HIS A 105 7.96 1.06 3.44
N LEU A 106 6.74 0.91 3.96
CA LEU A 106 5.69 0.00 3.43
C LEU A 106 5.47 0.31 1.94
N GLU A 107 5.23 1.56 1.59
CA GLU A 107 4.84 1.88 0.20
C GLU A 107 6.05 1.69 -0.74
N LYS A 108 7.27 1.88 -0.25
N LYS A 108 7.27 1.94 -0.29
CA LYS A 108 8.52 1.68 -1.03
CA LYS A 108 8.47 1.66 -1.12
C LYS A 108 8.77 0.16 -1.21
C LYS A 108 8.54 0.14 -1.32
N ASN A 109 8.29 -0.67 -0.28
N ASN A 109 8.37 -0.64 -0.25
CA ASN A 109 8.38 -2.15 -0.39
CA ASN A 109 8.34 -2.12 -0.32
C ASN A 109 7.30 -2.64 -1.37
C ASN A 109 7.33 -2.56 -1.40
N VAL A 110 6.10 -2.06 -1.32
CA VAL A 110 5.02 -2.45 -2.26
C VAL A 110 5.44 -2.07 -3.69
N ASN A 111 6.03 -0.89 -3.89
CA ASN A 111 6.50 -0.41 -5.20
C ASN A 111 7.58 -1.35 -5.73
N GLN A 112 8.50 -1.81 -4.87
CA GLN A 112 9.58 -2.72 -5.33
CA GLN A 112 9.58 -2.73 -5.31
C GLN A 112 8.92 -4.03 -5.80
N SER A 113 7.91 -4.53 -5.08
CA SER A 113 7.17 -5.75 -5.50
C SER A 113 6.55 -5.52 -6.88
N LEU A 114 5.94 -4.33 -7.10
CA LEU A 114 5.24 -4.06 -8.36
C LEU A 114 6.26 -3.96 -9.50
N LEU A 115 7.43 -3.37 -9.24
CA LEU A 115 8.51 -3.26 -10.27
C LEU A 115 9.02 -4.66 -10.63
N GLU A 116 9.19 -5.53 -9.63
CA GLU A 116 9.54 -6.95 -9.92
C GLU A 116 8.44 -7.63 -10.75
N LEU A 117 7.17 -7.41 -10.40
N LEU A 117 7.16 -7.42 -10.42
CA LEU A 117 6.02 -7.93 -11.18
CA LEU A 117 6.02 -7.95 -11.21
C LEU A 117 6.09 -7.41 -12.62
C LEU A 117 6.11 -7.42 -12.64
N HIS A 118 6.41 -6.12 -12.82
CA HIS A 118 6.46 -5.54 -14.17
C HIS A 118 7.64 -6.15 -14.96
N LYS A 119 8.77 -6.36 -14.30
CA LYS A 119 9.95 -7.00 -14.96
C LYS A 119 9.58 -8.42 -15.41
N LEU A 120 8.84 -9.19 -14.61
CA LEU A 120 8.39 -10.54 -14.99
C LEU A 120 7.45 -10.43 -16.20
N ALA A 121 6.46 -9.54 -16.18
CA ALA A 121 5.50 -9.44 -17.29
C ALA A 121 6.26 -9.05 -18.57
N THR A 122 7.27 -8.20 -18.45
CA THR A 122 8.15 -7.76 -19.57
C THR A 122 8.89 -8.99 -20.11
N ASP A 123 9.48 -9.78 -19.22
CA ASP A 123 10.24 -11.00 -19.59
C ASP A 123 9.33 -12.00 -20.30
N LYS A 124 8.06 -12.11 -19.92
CA LYS A 124 7.10 -13.04 -20.51
C LYS A 124 6.32 -12.39 -21.67
N ASN A 125 6.71 -11.19 -22.11
CA ASN A 125 6.07 -10.45 -23.23
C ASN A 125 4.56 -10.46 -23.02
N ASP A 126 4.12 -9.94 -21.86
CA ASP A 126 2.66 -9.77 -21.55
C ASP A 126 2.35 -8.28 -21.51
N PRO A 127 2.08 -7.64 -22.67
CA PRO A 127 1.87 -6.19 -22.68
C PRO A 127 0.57 -5.81 -21.95
N HIS A 128 -0.44 -6.68 -21.95
CA HIS A 128 -1.70 -6.35 -21.21
C HIS A 128 -1.36 -6.19 -19.73
N LEU A 129 -0.57 -7.11 -19.17
CA LEU A 129 -0.26 -7.07 -17.73
C LEU A 129 0.66 -5.88 -17.43
N CYS A 130 1.62 -5.59 -18.30
CA CYS A 130 2.50 -4.39 -18.18
C CYS A 130 1.60 -3.13 -18.10
N ASP A 131 0.67 -2.96 -19.04
CA ASP A 131 -0.24 -1.79 -19.10
C ASP A 131 -1.09 -1.72 -17.82
N PHE A 132 -1.57 -2.86 -17.32
CA PHE A 132 -2.41 -2.95 -16.11
C PHE A 132 -1.63 -2.35 -14.95
N ILE A 133 -0.40 -2.83 -14.77
CA ILE A 133 0.44 -2.40 -13.64
C ILE A 133 0.75 -0.90 -13.76
N GLU A 134 1.16 -0.45 -14.95
CA GLU A 134 1.51 0.96 -15.21
CA GLU A 134 1.49 0.96 -15.24
C GLU A 134 0.27 1.86 -14.98
N THR A 135 -0.90 1.47 -15.49
CA THR A 135 -2.14 2.29 -15.44
C THR A 135 -2.69 2.42 -14.03
N HIS A 136 -2.74 1.33 -13.27
CA HIS A 136 -3.54 1.26 -12.02
C HIS A 136 -2.62 1.34 -10.79
N TYR A 137 -1.31 1.06 -10.91
CA TYR A 137 -0.45 0.85 -9.71
C TYR A 137 0.77 1.78 -9.71
N LEU A 138 1.54 1.91 -10.79
CA LEU A 138 2.90 2.48 -10.64
C LEU A 138 2.81 3.97 -10.27
N ASN A 139 1.95 4.76 -10.89
CA ASN A 139 1.93 6.22 -10.59
C ASN A 139 1.24 6.43 -9.23
N GLU A 140 0.29 5.56 -8.87
N GLU A 140 0.26 5.58 -8.88
CA GLU A 140 -0.36 5.63 -7.52
CA GLU A 140 -0.38 5.60 -7.54
C GLU A 140 0.69 5.44 -6.42
C GLU A 140 0.73 5.49 -6.48
N GLN A 141 1.64 4.53 -6.63
CA GLN A 141 2.77 4.31 -5.70
C GLN A 141 3.67 5.54 -5.68
N VAL A 142 4.04 6.10 -6.83
CA VAL A 142 4.93 7.29 -6.86
C VAL A 142 4.25 8.44 -6.12
N LYS A 143 2.95 8.68 -6.35
CA LYS A 143 2.26 9.79 -5.65
C LYS A 143 2.19 9.52 -4.15
N ALA A 144 1.93 8.26 -3.73
CA ALA A 144 1.83 7.86 -2.30
C ALA A 144 3.15 8.09 -1.58
N ILE A 145 4.24 7.69 -2.23
CA ILE A 145 5.61 7.80 -1.68
C ILE A 145 5.97 9.29 -1.56
N LYS A 146 5.66 10.08 -2.56
CA LYS A 146 5.98 11.52 -2.55
C LYS A 146 5.19 12.20 -1.40
N GLU A 147 3.91 11.88 -1.23
CA GLU A 147 3.04 12.46 -0.17
C GLU A 147 3.57 12.10 1.20
N LEU A 148 3.89 10.83 1.42
CA LEU A 148 4.46 10.39 2.73
C LEU A 148 5.82 11.05 2.96
N GLY A 149 6.67 11.19 1.95
CA GLY A 149 7.94 11.90 2.16
C GLY A 149 7.68 13.36 2.56
N ASP A 150 6.72 14.01 1.91
CA ASP A 150 6.36 15.39 2.22
C ASP A 150 5.95 15.45 3.71
N HIS A 151 5.10 14.52 4.15
CA HIS A 151 4.56 14.50 5.54
C HIS A 151 5.70 14.30 6.54
N VAL A 152 6.57 13.33 6.28
CA VAL A 152 7.75 13.08 7.15
C VAL A 152 8.59 14.36 7.24
N THR A 153 8.89 15.02 6.11
CA THR A 153 9.69 16.26 6.11
C THR A 153 9.03 17.32 7.02
N ASN A 154 7.77 17.62 6.79
CA ASN A 154 7.08 18.64 7.62
C ASN A 154 7.16 18.28 9.09
N LEU A 155 6.85 17.03 9.46
CA LEU A 155 6.84 16.64 10.89
C LEU A 155 8.25 16.87 11.47
N ARG A 156 9.30 16.45 10.75
N ARG A 156 9.30 16.46 10.76
CA ARG A 156 10.70 16.63 11.20
CA ARG A 156 10.67 16.69 11.28
C ARG A 156 11.00 18.14 11.37
C ARG A 156 10.91 18.19 11.43
N LYS A 157 10.68 18.97 10.37
CA LYS A 157 10.98 20.43 10.43
C LYS A 157 10.23 21.08 11.60
N MET A 158 9.02 20.61 11.88
CA MET A 158 8.13 21.20 12.89
C MET A 158 8.63 20.86 14.30
N GLY A 159 9.51 19.85 14.43
CA GLY A 159 10.12 19.42 15.71
C GLY A 159 9.59 18.09 16.24
N ALA A 160 8.82 17.33 15.47
CA ALA A 160 8.35 15.99 15.92
C ALA A 160 9.58 15.06 16.01
N PRO A 161 9.55 13.98 16.83
CA PRO A 161 8.43 13.58 17.69
C PRO A 161 8.38 14.20 19.09
N GLU A 162 9.44 14.91 19.49
CA GLU A 162 9.57 15.54 20.83
C GLU A 162 8.44 16.55 21.07
N SER A 163 8.24 17.48 20.13
CA SER A 163 7.12 18.47 20.13
C SER A 163 5.75 17.78 19.88
N GLY A 164 4.98 17.61 20.94
CA GLY A 164 3.58 17.16 20.86
C GLY A 164 2.72 18.23 20.21
N LEU A 165 3.11 19.51 20.41
CA LEU A 165 2.51 20.65 19.64
C LEU A 165 2.65 20.48 18.10
N ALA A 166 3.83 20.14 17.60
CA ALA A 166 4.09 19.84 16.17
C ALA A 166 3.10 18.80 15.65
N GLU A 167 2.94 17.64 16.28
CA GLU A 167 2.04 16.59 15.76
C GLU A 167 0.59 17.09 15.81
N TYR A 168 0.19 17.76 16.91
CA TYR A 168 -1.15 18.36 17.02
C TYR A 168 -1.43 19.30 15.85
N LEU A 169 -0.52 20.23 15.55
CA LEU A 169 -0.82 21.28 14.53
C LEU A 169 -0.74 20.68 13.12
N PHE A 170 0.12 19.68 12.89
CA PHE A 170 0.15 18.95 11.60
C PHE A 170 -1.17 18.21 11.36
N ASP A 171 -1.66 17.53 12.39
CA ASP A 171 -2.98 16.86 12.41
C ASP A 171 -4.07 17.86 11.94
N LYS A 172 -4.06 19.10 12.42
CA LYS A 172 -5.14 20.07 12.09
C LYS A 172 -4.93 20.64 10.70
N HIS A 173 -3.71 21.03 10.37
CA HIS A 173 -3.47 21.85 9.17
C HIS A 173 -3.19 21.01 7.93
N THR A 174 -2.46 19.91 8.06
CA THR A 174 -2.18 19.08 6.86
C THR A 174 -3.22 17.98 6.71
N LEU A 175 -3.59 17.27 7.77
CA LEU A 175 -4.49 16.10 7.64
C LEU A 175 -5.97 16.46 7.88
N GLY A 176 -6.25 17.72 8.21
N GLY A 176 -6.20 17.69 8.32
CA GLY A 176 -7.57 18.19 8.65
CA GLY A 176 -7.53 18.31 8.49
C GLY A 176 -8.43 18.62 7.47
C GLY A 176 -7.88 19.14 7.27
CL CL B . -2.20 27.48 14.19
CL CL C . -6.61 27.59 11.23
CL CL D . -11.00 -3.53 -16.54
CL CL E . -1.08 -19.25 4.44
MG MG F . 5.65 -0.49 -22.32
MG MG G . 3.76 -13.98 13.09
MG MG H . -2.93 5.36 -0.73
MG MG I . -1.52 -0.83 -2.77
MG MG J . 4.16 -11.51 0.11
MG MG K . -6.46 1.40 -20.12
CL CL L . 0.58 -22.26 -23.16
CL CL M . -0.08 -19.14 -6.62
V12 A1JGJ N . 1.67 -21.04 -20.27
V13 A1JGJ N . 3.56 -21.88 -22.28
V14 A1JGJ N . 3.07 -22.95 -24.89
V15 A1JGJ N . -0.04 -24.78 -25.05
V16 A1JGJ N . 2.14 -25.00 -23.32
V17 A1JGJ N . -2.04 -22.88 -25.47
V18 A1JGJ N . -1.38 -24.82 -22.53
V19 A1JGJ N . -1.41 -22.80 -20.49
V20 A1JGJ N . -2.92 -21.58 -22.49
V21 A1JGJ N . -1.28 -19.46 -21.82
V22 A1JGJ N . 1.20 -23.77 -20.33
V23 A1JGJ N . 1.42 -19.03 -22.12
V24 A1JGJ N . 0.13 -21.47 -26.41
V25 A1JGJ N . -1.11 -19.52 -24.65
V26 A1JGJ N . 2.32 -20.29 -25.21
O31 A1JGJ N . 2.66 -22.63 -20.75
O32 A1JGJ N . 0.31 -19.80 -20.77
O33 A1JGJ N . 5.11 -21.66 -21.86
O34 A1JGJ N . 3.51 -21.25 -24.10
O35 A1JGJ N . 1.82 -24.35 -25.09
O36 A1JGJ N . 1.92 -21.96 -26.07
O37 A1JGJ N . 1.95 -24.90 -21.49
O38 A1JGJ N . -1.82 -24.44 -24.38
O39 A1JGJ N . -2.49 -23.34 -21.96
O40 A1JGJ N . -1.88 -21.05 -20.98
O41 A1JGJ N . -0.45 -24.44 -20.87
O42 A1JGJ N . 2.76 -20.24 -21.63
O43 A1JGJ N . 0.22 -22.18 -19.84
O44 A1JGJ N . 3.47 -23.61 -23.15
O45 A1JGJ N . -0.12 -18.75 -23.16
O46 A1JGJ N . -1.63 -21.05 -25.72
O47 A1JGJ N . 0.32 -25.46 -23.28
O48 A1JGJ N . -0.35 -23.31 -26.25
O49 A1JGJ N . -3.11 -22.27 -24.16
O50 A1JGJ N . -2.38 -20.02 -23.28
O51 A1JGJ N . 0.56 -19.79 -25.56
O52 A1JGJ N . 2.19 -19.12 -23.79
O53 A1JGJ N . 0.10 -21.17 -28.00
O54 A1JGJ N . 3.21 -19.47 -26.28
O55 A1JGJ N . 4.35 -23.36 -25.80
O56 A1JGJ N . 1.92 -17.60 -21.57
O57 A1JGJ N . -1.78 -18.28 -25.43
O58 A1JGJ N . -2.04 -18.28 -21.13
O59 A1JGJ N . -0.19 -26.09 -25.99
O60 A1JGJ N . 2.97 -26.39 -23.55
O61 A1JGJ N . -2.22 -26.16 -22.20
O62 A1JGJ N . -4.46 -21.35 -22.04
O63 A1JGJ N . -2.30 -23.11 -19.18
O64 A1JGJ N . 2.43 -20.76 -18.84
O65 A1JGJ N . 1.43 -24.32 -18.84
O66 A1JGJ N . -3.26 -23.20 -26.48
#